data_9KRY
#
_entry.id   9KRY
#
_cell.length_a   50.994
_cell.length_b   91.279
_cell.length_c   69.227
_cell.angle_alpha   90.00
_cell.angle_beta   100.77
_cell.angle_gamma   90.00
#
_symmetry.space_group_name_H-M   'P 1 21 1'
#
loop_
_entity.id
_entity.type
_entity.pdbx_description
1 polymer 'Tyrosine-protein kinase Mer'
2 non-polymer ~{N}-[4-[5-(3-aminophenyl)-6-(1-methylpyrazol-4-yl)furo[2,3-d]pyrimidin-4-yl]oxyphenyl]-2-(4-fluorophenyl)-1-methyl-3-oxidanylidene-pyrazole-4-carboxamide
3 water water
#
_entity_poly.entity_id   1
_entity_poly.type   'polypeptide(L)'
_entity_poly.pdbx_seq_one_letter_code
;EELQNKLEDVVIDRNLLILGKILGEGEFGSVMEGNLKQEDGTSLKVAVKTMKLDNSSQREIEEFLSEAACMKDFSHPNVI
RLLGVCIEMSSQGIPKPMVILPFMKYGDLHTYLLYSRLETGPKHIPLQTLLKFMVDIALGMEYLSNRNFLHRDLAARNCM
LRDDMTVCVADFGLSKKIYSGDYYRQGRIAKMPVKWIAIESLADRVYTSKSDVWAFGVTMWEIATRGMTPYPGVQNHEMY
DYLLHGHRLKQPEDCLDELYEIMYSCWRTDPLDRPTFSVLRLQLEKLLESLPDV
;
_entity_poly.pdbx_strand_id   A,B
#
loop_
_chem_comp.id
_chem_comp.type
_chem_comp.name
_chem_comp.formula
A1L6J non-polymer ~{N}-[4-[5-(3-aminophenyl)-6-(1-methylpyrazol-4-yl)furo[2,3-d]pyrimidin-4-yl]oxyphenyl]-2-(4-fluorophenyl)-1-methyl-3-oxidanylidene-pyrazole-4-carboxamide 'C33 H25 F N8 O4'
#
# COMPACT_ATOMS: atom_id res chain seq x y z
N VAL A 10 -3.22 -3.32 25.51
CA VAL A 10 -2.26 -4.34 25.12
C VAL A 10 -1.58 -4.94 26.33
N VAL A 11 -1.72 -4.28 27.49
CA VAL A 11 -1.07 -4.79 28.70
C VAL A 11 -1.76 -6.08 29.13
N ILE A 12 -0.97 -6.98 29.71
CA ILE A 12 -1.44 -8.29 30.15
C ILE A 12 -1.02 -8.48 31.61
N ASP A 13 -1.97 -8.93 32.43
CA ASP A 13 -1.70 -9.17 33.86
C ASP A 13 -0.46 -10.04 34.02
N ARG A 14 0.48 -9.55 34.84
CA ARG A 14 1.73 -10.28 35.08
C ARG A 14 1.50 -11.68 35.62
N ASN A 15 0.45 -11.89 36.40
CA ASN A 15 0.20 -13.21 36.97
C ASN A 15 -0.13 -14.26 35.91
N LEU A 16 -0.50 -13.83 34.70
CA LEU A 16 -0.80 -14.77 33.61
C LEU A 16 0.45 -15.27 32.89
N LEU A 17 1.64 -14.82 33.29
CA LEU A 17 2.88 -15.19 32.62
C LEU A 17 3.80 -16.00 33.52
N ILE A 18 4.34 -17.08 32.96
CA ILE A 18 5.29 -17.95 33.65
C ILE A 18 6.54 -17.99 32.77
N LEU A 19 7.68 -17.61 33.33
CA LEU A 19 8.94 -17.56 32.59
C LEU A 19 9.74 -18.86 32.72
N GLY A 20 10.47 -19.19 31.65
CA GLY A 20 11.27 -20.39 31.64
C GLY A 20 12.76 -20.16 31.41
N LYS A 21 13.39 -21.01 30.60
CA LYS A 21 14.81 -20.90 30.32
C LYS A 21 15.11 -19.82 29.29
N ILE A 22 16.37 -19.38 29.27
CA ILE A 22 16.82 -18.36 28.33
C ILE A 22 16.92 -18.95 26.94
N LEU A 23 16.36 -18.25 25.95
CA LEU A 23 16.45 -18.67 24.56
C LEU A 23 17.56 -17.96 23.80
N GLY A 24 18.04 -16.83 24.32
CA GLY A 24 19.07 -16.04 23.71
C GLY A 24 19.24 -14.74 24.48
N GLU A 25 20.46 -14.29 24.70
CA GLU A 25 20.70 -13.06 25.45
C GLU A 25 21.57 -12.11 24.65
N GLY A 26 21.87 -10.96 25.26
CA GLY A 26 22.68 -9.95 24.62
C GLY A 26 22.48 -8.57 25.23
N GLY A 29 18.72 -7.05 25.48
CA GLY A 29 18.23 -7.75 26.64
C GLY A 29 18.26 -9.26 26.50
N SER A 30 17.35 -9.95 27.19
CA SER A 30 17.28 -11.40 27.14
C SER A 30 15.89 -11.84 26.70
N VAL A 31 15.84 -12.96 25.97
CA VAL A 31 14.60 -13.55 25.51
C VAL A 31 14.42 -14.88 26.20
N MET A 32 13.26 -15.10 26.81
CA MET A 32 12.97 -16.35 27.50
C MET A 32 11.71 -17.01 26.98
N GLU A 33 11.67 -18.34 27.10
CA GLU A 33 10.47 -19.06 26.76
C GLU A 33 9.41 -18.72 27.81
N GLY A 34 8.19 -19.17 27.61
CA GLY A 34 7.19 -18.87 28.60
C GLY A 34 5.83 -19.43 28.27
N ASN A 35 5.00 -19.50 29.31
CA ASN A 35 3.62 -19.97 29.21
C ASN A 35 2.72 -18.77 29.45
N LEU A 36 1.81 -18.53 28.51
CA LEU A 36 0.87 -17.41 28.61
C LEU A 36 -0.55 -17.94 28.74
N LYS A 37 -1.15 -17.75 29.91
CA LYS A 37 -2.52 -18.19 30.06
C LYS A 37 -3.39 -17.25 29.23
N GLN A 38 -4.23 -17.81 28.37
CA GLN A 38 -5.06 -17.01 27.49
C GLN A 38 -6.43 -16.77 28.11
N GLU A 39 -7.25 -15.98 27.40
CA GLU A 39 -8.57 -15.67 27.90
C GLU A 39 -9.51 -16.87 27.77
N ASP A 40 -9.22 -17.79 26.86
CA ASP A 40 -10.04 -18.98 26.69
C ASP A 40 -9.61 -20.12 27.61
N GLY A 41 -8.83 -19.82 28.65
CA GLY A 41 -8.40 -20.80 29.61
C GLY A 41 -7.10 -21.54 29.30
N THR A 42 -6.77 -21.71 28.02
CA THR A 42 -5.57 -22.45 27.67
C THR A 42 -4.31 -21.59 27.79
N SER A 43 -3.16 -22.26 27.84
CA SER A 43 -1.86 -21.64 27.94
C SER A 43 -1.15 -21.72 26.59
N LEU A 44 -0.45 -20.65 26.23
CA LEU A 44 0.27 -20.57 24.96
C LEU A 44 1.78 -20.51 25.21
N LYS A 45 2.55 -21.18 24.37
CA LYS A 45 4.00 -21.16 24.49
C LYS A 45 4.45 -19.83 23.89
N VAL A 46 4.99 -18.96 24.72
CA VAL A 46 5.40 -17.63 24.28
C VAL A 46 6.88 -17.38 24.55
N ALA A 47 7.38 -16.35 23.88
CA ALA A 47 8.74 -15.86 24.05
C ALA A 47 8.61 -14.51 24.73
N VAL A 48 9.49 -14.24 25.70
CA VAL A 48 9.43 -13.00 26.47
C VAL A 48 10.78 -12.31 26.41
N LYS A 49 10.79 -11.10 25.87
CA LYS A 49 12.01 -10.31 25.74
C LYS A 49 11.95 -9.14 26.71
N THR A 50 12.97 -9.02 27.56
CA THR A 50 13.11 -7.95 28.53
C THR A 50 14.26 -7.04 28.15
N MET A 51 14.10 -5.75 28.43
CA MET A 51 15.09 -4.73 28.13
C MET A 51 16.50 -5.13 28.56
N GLU A 62 9.16 5.24 28.96
CA GLU A 62 8.02 4.73 28.22
C GLU A 62 8.33 4.60 26.73
N GLU A 63 9.62 4.44 26.41
CA GLU A 63 9.99 4.29 25.00
C GLU A 63 10.00 2.83 24.59
N PHE A 64 10.01 1.92 25.55
CA PHE A 64 9.94 0.51 25.21
C PHE A 64 8.50 0.17 24.85
N LEU A 65 7.55 0.78 25.58
CA LEU A 65 6.14 0.64 25.30
C LEU A 65 5.76 1.32 24.00
N SER A 66 6.58 2.27 23.54
CA SER A 66 6.30 2.97 22.30
C SER A 66 6.50 2.05 21.11
N GLU A 67 7.57 1.25 21.13
CA GLU A 67 7.81 0.31 20.05
C GLU A 67 6.66 -0.67 19.93
N ALA A 68 6.16 -1.16 21.08
CA ALA A 68 5.04 -2.09 21.08
C ALA A 68 3.70 -1.40 20.84
N ALA A 69 3.63 -0.08 21.02
CA ALA A 69 2.38 0.64 20.79
C ALA A 69 1.92 0.44 19.35
N CYS A 70 2.81 0.68 18.39
CA CYS A 70 2.53 0.52 16.97
C CYS A 70 2.54 -0.94 16.53
N MET A 71 2.97 -1.86 17.40
CA MET A 71 3.05 -3.27 17.03
C MET A 71 1.71 -3.99 17.14
N LYS A 72 0.95 -3.75 18.21
CA LYS A 72 -0.33 -4.42 18.35
C LYS A 72 -1.29 -4.11 17.21
N ASP A 73 -1.04 -3.02 16.48
CA ASP A 73 -1.90 -2.65 15.36
C ASP A 73 -1.64 -3.53 14.14
N PHE A 74 -0.38 -3.86 13.86
CA PHE A 74 -0.05 -4.67 12.70
C PHE A 74 -0.72 -6.03 12.73
N SER A 75 -1.18 -6.47 11.55
CA SER A 75 -1.80 -7.78 11.40
C SER A 75 -1.43 -8.26 10.00
N HIS A 76 -0.41 -9.11 9.91
CA HIS A 76 0.05 -9.66 8.64
C HIS A 76 0.71 -10.99 8.94
N PRO A 77 0.43 -12.04 8.15
CA PRO A 77 1.04 -13.34 8.42
C PRO A 77 2.56 -13.35 8.33
N ASN A 78 3.17 -12.37 7.68
CA ASN A 78 4.62 -12.31 7.56
C ASN A 78 5.24 -11.30 8.53
N VAL A 79 4.46 -10.79 9.47
CA VAL A 79 4.93 -9.88 10.50
C VAL A 79 4.69 -10.58 11.83
N ILE A 80 5.73 -10.69 12.65
CA ILE A 80 5.55 -11.36 13.95
C ILE A 80 4.42 -10.66 14.69
N ARG A 81 3.47 -11.44 15.19
CA ARG A 81 2.34 -10.87 15.89
C ARG A 81 2.67 -10.60 17.35
N LEU A 82 2.16 -9.49 17.87
CA LEU A 82 2.35 -9.14 19.27
C LEU A 82 1.24 -9.80 20.08
N LEU A 83 1.60 -10.41 21.19
CA LEU A 83 0.59 -11.03 22.05
C LEU A 83 0.18 -10.08 23.17
N GLY A 84 1.10 -9.25 23.62
CA GLY A 84 0.80 -8.26 24.63
C GLY A 84 2.09 -7.71 25.22
N VAL A 85 1.91 -6.83 26.20
CA VAL A 85 3.02 -6.22 26.92
C VAL A 85 2.81 -6.52 28.39
N CYS A 86 3.90 -6.67 29.14
CA CYS A 86 3.81 -6.94 30.57
C CYS A 86 4.75 -6.02 31.31
N ILE A 87 4.25 -5.38 32.35
CA ILE A 87 5.03 -4.45 33.17
C ILE A 87 5.28 -5.13 34.51
N GLU A 88 6.53 -5.49 34.75
CA GLU A 88 6.93 -6.16 35.99
C GLU A 88 7.48 -5.12 36.96
N MET A 89 6.79 -4.94 38.08
CA MET A 89 7.22 -4.01 39.12
C MET A 89 8.21 -4.65 40.07
N SER A 90 8.80 -5.77 39.63
CA SER A 90 9.77 -6.52 40.41
C SER A 90 10.89 -5.63 40.93
N SER A 91 11.44 -6.03 42.08
CA SER A 91 12.53 -5.32 42.73
C SER A 91 13.03 -6.10 43.93
N PRO A 95 10.30 0.58 36.14
CA PRO A 95 10.02 -0.85 36.28
C PRO A 95 10.80 -1.70 35.29
N LYS A 96 10.26 -2.87 34.94
CA LYS A 96 10.88 -3.79 34.01
C LYS A 96 9.83 -4.26 33.01
N PRO A 97 9.78 -3.67 31.81
CA PRO A 97 8.77 -4.09 30.84
C PRO A 97 9.21 -5.32 30.07
N MET A 98 8.22 -6.11 29.65
CA MET A 98 8.44 -7.33 28.90
C MET A 98 7.44 -7.45 27.75
N VAL A 99 7.95 -7.83 26.59
CA VAL A 99 7.15 -8.02 25.38
C VAL A 99 6.94 -9.52 25.20
N ILE A 100 5.72 -9.91 24.83
CA ILE A 100 5.38 -11.32 24.66
C ILE A 100 5.11 -11.58 23.19
N LEU A 101 5.83 -12.55 22.63
CA LEU A 101 5.69 -12.97 21.25
C LEU A 101 5.39 -14.47 21.20
N PRO A 102 4.78 -14.96 20.12
CA PRO A 102 4.53 -16.41 20.01
C PRO A 102 5.86 -17.14 19.91
N PHE A 103 5.95 -18.30 20.56
CA PHE A 103 7.17 -19.07 20.50
C PHE A 103 7.26 -19.80 19.17
N MET A 104 8.44 -19.74 18.56
CA MET A 104 8.70 -20.37 17.26
C MET A 104 9.87 -21.33 17.46
N LYS A 105 9.54 -22.62 17.56
CA LYS A 105 10.54 -23.66 17.76
C LYS A 105 11.59 -23.72 16.66
N TYR A 106 11.27 -23.24 15.46
CA TYR A 106 12.25 -23.29 14.38
C TYR A 106 13.28 -22.17 14.46
N GLY A 107 13.21 -21.30 15.46
CA GLY A 107 14.18 -20.25 15.61
C GLY A 107 14.23 -19.20 14.52
N ASP A 108 15.37 -18.53 14.46
CA ASP A 108 15.62 -17.47 13.48
C ASP A 108 16.05 -18.08 12.15
N LEU A 109 15.86 -17.30 11.08
CA LEU A 109 16.18 -17.76 9.74
C LEU A 109 17.68 -17.92 9.53
N HIS A 110 18.49 -17.00 10.04
CA HIS A 110 19.94 -17.09 9.84
C HIS A 110 20.48 -18.40 10.41
N THR A 111 20.19 -18.69 11.68
CA THR A 111 20.68 -19.93 12.27
C THR A 111 20.12 -21.14 11.53
N TYR A 112 18.85 -21.07 11.13
CA TYR A 112 18.24 -22.17 10.39
C TYR A 112 18.98 -22.44 9.09
N LEU A 113 19.44 -21.38 8.41
CA LEU A 113 20.18 -21.58 7.18
C LEU A 113 21.47 -22.35 7.43
N LEU A 114 22.22 -21.97 8.48
CA LEU A 114 23.45 -22.69 8.80
C LEU A 114 23.15 -24.16 9.07
N TYR A 115 22.11 -24.44 9.87
CA TYR A 115 21.73 -25.81 10.17
C TYR A 115 21.47 -26.62 8.91
N SER A 116 20.95 -25.98 7.86
CA SER A 116 20.66 -26.68 6.60
C SER A 116 21.91 -27.31 5.99
N ARG A 117 23.08 -26.75 6.27
CA ARG A 117 24.35 -27.25 5.74
C ARG A 117 24.94 -28.35 6.59
N LEU A 118 24.20 -28.82 7.59
CA LEU A 118 24.62 -29.90 8.49
C LEU A 118 23.66 -31.06 8.27
N GLU A 119 24.17 -32.29 8.42
CA GLU A 119 23.39 -33.48 8.15
C GLU A 119 22.43 -33.89 9.24
N THR A 120 22.38 -33.19 10.38
CA THR A 120 21.41 -33.55 11.41
C THR A 120 20.32 -32.50 11.54
N GLY A 121 20.56 -31.31 11.02
CA GLY A 121 19.60 -30.24 10.97
C GLY A 121 18.68 -30.44 9.80
N PRO A 122 17.76 -29.49 9.62
CA PRO A 122 16.84 -29.56 8.47
C PRO A 122 17.61 -29.87 7.19
N LYS A 123 16.94 -30.56 6.27
CA LYS A 123 17.55 -30.97 5.02
C LYS A 123 17.89 -29.77 4.13
N HIS A 124 18.76 -30.05 3.15
CA HIS A 124 19.22 -29.04 2.19
C HIS A 124 18.04 -28.28 1.61
N ILE A 125 18.03 -26.98 1.83
CA ILE A 125 16.95 -26.12 1.37
C ILE A 125 17.03 -25.94 -0.15
N PRO A 126 16.01 -26.37 -0.89
CA PRO A 126 16.02 -26.18 -2.35
C PRO A 126 15.95 -24.69 -2.69
N LEU A 127 16.26 -24.39 -3.94
CA LEU A 127 16.23 -23.00 -4.39
C LEU A 127 14.82 -22.42 -4.25
N GLN A 128 13.80 -23.19 -4.60
CA GLN A 128 12.42 -22.72 -4.49
C GLN A 128 12.10 -22.28 -3.07
N THR A 129 12.49 -23.08 -2.07
CA THR A 129 12.23 -22.72 -0.68
C THR A 129 13.00 -21.47 -0.30
N LEU A 130 14.26 -21.34 -0.75
CA LEU A 130 15.02 -20.13 -0.44
C LEU A 130 14.33 -18.92 -1.03
N LEU A 131 13.80 -19.05 -2.26
CA LEU A 131 13.09 -17.95 -2.88
C LEU A 131 11.82 -17.63 -2.11
N LYS A 132 11.11 -18.66 -1.64
CA LYS A 132 9.90 -18.41 -0.86
C LYS A 132 10.24 -17.67 0.42
N PHE A 133 11.41 -17.97 1.00
CA PHE A 133 11.84 -17.25 2.19
C PHE A 133 11.89 -15.76 1.92
N MET A 134 12.49 -15.37 0.79
CA MET A 134 12.56 -13.97 0.41
C MET A 134 11.18 -13.41 0.13
N VAL A 135 10.33 -14.19 -0.54
CA VAL A 135 8.98 -13.76 -0.85
C VAL A 135 8.24 -13.40 0.43
N ASP A 136 8.35 -14.26 1.45
CA ASP A 136 7.68 -14.00 2.73
C ASP A 136 8.17 -12.70 3.35
N ILE A 137 9.49 -12.51 3.38
CA ILE A 137 10.05 -11.29 3.95
C ILE A 137 9.59 -10.08 3.16
N ALA A 138 9.52 -10.21 1.83
CA ALA A 138 9.08 -9.07 1.02
C ALA A 138 7.63 -8.71 1.31
N LEU A 139 6.77 -9.70 1.51
CA LEU A 139 5.38 -9.41 1.85
C LEU A 139 5.33 -8.64 3.17
N GLY A 140 6.06 -9.14 4.17
CA GLY A 140 6.11 -8.47 5.46
C GLY A 140 6.56 -7.02 5.32
N MET A 141 7.68 -6.81 4.62
CA MET A 141 8.20 -5.47 4.43
C MET A 141 7.21 -4.61 3.66
N GLU A 142 6.59 -5.18 2.61
CA GLU A 142 5.60 -4.43 1.85
C GLU A 142 4.45 -3.98 2.75
N TYR A 143 3.99 -4.88 3.63
CA TYR A 143 2.92 -4.55 4.57
C TYR A 143 3.32 -3.37 5.46
N LEU A 144 4.54 -3.43 6.02
CA LEU A 144 4.98 -2.35 6.88
C LEU A 144 5.39 -1.11 6.10
N SER A 145 5.76 -1.26 4.83
CA SER A 145 6.11 -0.08 4.05
C SER A 145 4.86 0.74 3.75
N ASN A 146 3.76 0.06 3.37
CA ASN A 146 2.50 0.75 3.11
C ASN A 146 2.01 1.50 4.34
N ARG A 147 2.44 1.07 5.53
CA ARG A 147 2.08 1.70 6.79
C ARG A 147 3.07 2.80 7.17
N ASN A 148 4.03 3.09 6.28
CA ASN A 148 5.06 4.10 6.51
C ASN A 148 5.83 3.84 7.80
N PHE A 149 6.17 2.57 8.03
CA PHE A 149 6.94 2.16 9.20
C PHE A 149 8.31 1.70 8.75
N LEU A 150 9.35 2.24 9.37
CA LEU A 150 10.73 1.90 9.05
C LEU A 150 11.23 0.82 10.01
N HIS A 151 11.79 -0.26 9.46
CA HIS A 151 12.31 -1.32 10.31
C HIS A 151 13.68 -0.94 10.86
N ARG A 152 14.62 -0.64 9.97
CA ARG A 152 15.99 -0.17 10.17
C ARG A 152 16.97 -1.23 10.66
N ASP A 153 16.52 -2.45 10.96
CA ASP A 153 17.44 -3.50 11.38
C ASP A 153 17.08 -4.81 10.69
N LEU A 154 16.77 -4.75 9.39
CA LEU A 154 16.37 -5.94 8.66
C LEU A 154 17.58 -6.80 8.32
N ALA A 155 17.55 -8.04 8.79
CA ALA A 155 18.61 -9.02 8.56
C ALA A 155 18.01 -10.40 8.73
N ALA A 156 18.77 -11.42 8.28
CA ALA A 156 18.28 -12.79 8.41
C ALA A 156 18.16 -13.20 9.87
N ARG A 157 18.97 -12.58 10.75
CA ARG A 157 18.90 -12.90 12.17
C ARG A 157 17.66 -12.33 12.82
N ASN A 158 17.01 -11.36 12.19
CA ASN A 158 15.80 -10.75 12.74
C ASN A 158 14.54 -11.32 12.11
N CYS A 159 14.65 -12.41 11.35
CA CYS A 159 13.51 -13.07 10.73
C CYS A 159 13.26 -14.37 11.49
N MET A 160 11.99 -14.66 11.75
CA MET A 160 11.61 -15.85 12.49
C MET A 160 10.82 -16.82 11.63
N LEU A 161 11.06 -18.11 11.83
CA LEU A 161 10.38 -19.17 11.10
C LEU A 161 9.16 -19.64 11.88
N ARG A 162 7.98 -19.45 11.29
CA ARG A 162 6.75 -19.88 11.93
C ARG A 162 6.64 -21.41 11.86
N ASP A 163 5.66 -21.94 12.59
CA ASP A 163 5.44 -23.38 12.65
C ASP A 163 5.13 -23.98 11.28
N ASP A 164 4.60 -23.18 10.35
CA ASP A 164 4.28 -23.65 9.00
C ASP A 164 5.38 -23.32 8.00
N MET A 165 6.59 -23.08 8.49
CA MET A 165 7.80 -22.76 7.74
C MET A 165 7.71 -21.44 6.97
N THR A 166 6.71 -20.61 7.25
CA THR A 166 6.63 -19.31 6.61
C THR A 166 7.49 -18.36 7.43
N VAL A 167 8.05 -17.35 6.78
CA VAL A 167 8.93 -16.42 7.48
C VAL A 167 8.17 -15.16 7.85
N CYS A 168 8.44 -14.64 9.06
CA CYS A 168 7.83 -13.42 9.56
C CYS A 168 8.94 -12.46 9.95
N VAL A 169 8.70 -11.17 9.73
CA VAL A 169 9.68 -10.15 10.07
C VAL A 169 9.58 -9.77 11.54
N ALA A 170 10.73 -9.61 12.19
CA ALA A 170 10.77 -9.22 13.60
C ALA A 170 11.97 -8.30 13.82
N ASP A 171 12.25 -8.01 15.09
CA ASP A 171 13.39 -7.15 15.45
C ASP A 171 13.82 -7.48 16.86
N PHE A 172 15.02 -8.00 17.02
CA PHE A 172 15.54 -8.33 18.35
C PHE A 172 15.98 -7.07 19.08
N PRO A 193 26.11 -4.50 12.86
CA PRO A 193 25.11 -4.38 11.80
C PRO A 193 25.52 -3.38 10.71
N VAL A 194 26.80 -3.02 10.71
CA VAL A 194 27.33 -2.06 9.74
C VAL A 194 27.17 -2.54 8.31
N LYS A 195 27.20 -3.85 8.09
CA LYS A 195 27.11 -4.39 6.74
C LYS A 195 25.68 -4.51 6.21
N TRP A 196 24.66 -4.13 6.99
CA TRP A 196 23.28 -4.15 6.53
C TRP A 196 22.72 -2.75 6.37
N ILE A 197 23.55 -1.72 6.60
CA ILE A 197 23.15 -0.32 6.52
C ILE A 197 23.50 0.23 5.14
N ALA A 198 22.53 0.92 4.53
CA ALA A 198 22.70 1.50 3.22
C ALA A 198 23.80 2.57 3.25
N ILE A 199 24.41 2.81 2.09
CA ILE A 199 25.51 3.76 1.98
C ILE A 199 25.05 5.17 2.35
N GLU A 200 23.82 5.54 1.98
CA GLU A 200 23.34 6.88 2.32
C GLU A 200 23.11 7.00 3.82
N SER A 201 22.87 5.89 4.51
CA SER A 201 22.64 5.88 5.95
C SER A 201 23.94 5.79 6.74
N LEU A 202 25.05 5.39 6.11
CA LEU A 202 26.31 5.33 6.82
C LEU A 202 26.88 6.72 7.09
N ALA A 203 26.99 7.55 6.05
CA ALA A 203 27.52 8.90 6.21
C ALA A 203 26.64 9.73 7.13
N ASP A 204 25.39 9.92 6.74
CA ASP A 204 24.38 10.64 7.51
C ASP A 204 23.66 9.63 8.38
N ARG A 205 22.57 10.05 9.02
CA ARG A 205 21.76 9.14 9.82
C ARG A 205 20.39 9.04 9.18
N VAL A 206 20.29 9.47 7.92
CA VAL A 206 19.07 9.37 7.14
C VAL A 206 18.63 7.92 7.05
N TYR A 207 17.33 7.67 7.21
CA TYR A 207 16.81 6.32 7.11
C TYR A 207 15.43 6.40 6.47
N THR A 208 15.34 5.95 5.23
CA THR A 208 14.12 5.92 4.44
C THR A 208 13.71 4.47 4.22
N SER A 209 12.57 4.29 3.54
CA SER A 209 12.15 2.93 3.26
C SER A 209 13.10 2.28 2.26
N LYS A 210 13.83 3.09 1.50
CA LYS A 210 14.80 2.56 0.56
C LYS A 210 15.97 1.94 1.31
N SER A 211 16.24 2.42 2.53
CA SER A 211 17.30 1.82 3.33
C SER A 211 16.89 0.42 3.73
N ASP A 212 15.61 0.24 4.08
CA ASP A 212 15.08 -1.08 4.39
C ASP A 212 15.20 -1.99 3.18
N VAL A 213 15.05 -1.42 1.98
CA VAL A 213 15.18 -2.20 0.76
C VAL A 213 16.63 -2.62 0.57
N TRP A 214 17.57 -1.73 0.93
CA TRP A 214 18.99 -2.07 0.87
C TRP A 214 19.27 -3.26 1.77
N ALA A 215 18.82 -3.17 3.03
CA ALA A 215 19.00 -4.28 3.97
C ALA A 215 18.30 -5.52 3.46
N PHE A 216 17.20 -5.36 2.72
CA PHE A 216 16.52 -6.52 2.17
C PHE A 216 17.40 -7.22 1.16
N GLY A 217 18.12 -6.44 0.34
CA GLY A 217 19.04 -7.04 -0.62
C GLY A 217 20.09 -7.86 0.09
N VAL A 218 20.66 -7.31 1.16
CA VAL A 218 21.65 -8.03 1.95
C VAL A 218 21.05 -9.30 2.52
N THR A 219 19.82 -9.21 3.05
CA THR A 219 19.17 -10.39 3.59
C THR A 219 18.99 -11.45 2.51
N MET A 220 18.56 -11.01 1.32
CA MET A 220 18.42 -11.95 0.20
C MET A 220 19.74 -12.65 -0.05
N TRP A 221 20.84 -11.90 0.03
CA TRP A 221 22.17 -12.46 -0.16
C TRP A 221 22.47 -13.48 0.92
N GLU A 222 22.05 -13.20 2.15
CA GLU A 222 22.26 -14.13 3.26
C GLU A 222 21.55 -15.45 2.99
N ILE A 223 20.29 -15.37 2.56
CA ILE A 223 19.52 -16.57 2.26
C ILE A 223 20.15 -17.34 1.11
N ALA A 224 20.54 -16.64 0.05
CA ALA A 224 21.17 -17.31 -1.09
C ALA A 224 22.47 -17.98 -0.70
N THR A 225 23.28 -17.30 0.12
CA THR A 225 24.55 -17.85 0.59
C THR A 225 24.36 -18.82 1.74
N ARG A 226 23.13 -18.96 2.24
CA ARG A 226 22.79 -19.85 3.36
C ARG A 226 23.60 -19.54 4.62
N GLY A 227 23.64 -18.27 5.00
CA GLY A 227 24.30 -17.85 6.22
C GLY A 227 25.67 -17.20 6.14
N MET A 228 26.22 -16.98 4.94
CA MET A 228 27.53 -16.34 4.89
C MET A 228 27.46 -14.90 5.39
N THR A 229 28.47 -14.49 6.14
CA THR A 229 28.52 -13.12 6.59
C THR A 229 28.74 -12.22 5.38
N PRO A 230 28.02 -11.09 5.28
CA PRO A 230 28.21 -10.22 4.11
C PRO A 230 29.62 -9.68 4.01
N TYR A 231 30.08 -9.50 2.78
CA TYR A 231 31.37 -8.95 2.40
C TYR A 231 32.56 -9.72 2.99
N PRO A 232 32.79 -10.98 2.63
CA PRO A 232 33.96 -11.68 3.17
C PRO A 232 35.23 -10.97 2.74
N GLY A 233 36.20 -10.91 3.65
CA GLY A 233 37.43 -10.22 3.34
C GLY A 233 37.41 -8.73 3.56
N VAL A 234 36.27 -8.15 3.92
CA VAL A 234 36.14 -6.71 4.14
C VAL A 234 35.78 -6.48 5.60
N GLN A 235 36.51 -5.57 6.24
CA GLN A 235 36.32 -5.23 7.64
C GLN A 235 35.16 -4.25 7.81
N ASN A 236 34.65 -4.19 9.04
CA ASN A 236 33.54 -3.28 9.35
C ASN A 236 33.92 -1.83 9.13
N HIS A 237 35.13 -1.44 9.53
CA HIS A 237 35.56 -0.04 9.37
C HIS A 237 35.83 0.32 7.91
N GLU A 238 36.04 -0.66 7.04
CA GLU A 238 36.27 -0.44 5.63
C GLU A 238 35.00 -0.46 4.79
N MET A 239 33.85 -0.71 5.41
CA MET A 239 32.59 -0.83 4.67
C MET A 239 32.17 0.45 3.96
N TYR A 240 32.20 1.60 4.63
CA TYR A 240 31.77 2.81 3.94
C TYR A 240 32.65 3.12 2.75
N ASP A 241 33.98 3.00 2.92
CA ASP A 241 34.88 3.25 1.80
C ASP A 241 34.64 2.23 0.69
N TYR A 242 34.44 0.97 1.06
CA TYR A 242 34.17 -0.09 0.09
C TYR A 242 32.95 0.23 -0.77
N LEU A 243 31.86 0.64 -0.13
CA LEU A 243 30.63 0.96 -0.86
C LEU A 243 30.77 2.24 -1.68
N LEU A 244 31.46 3.25 -1.14
CA LEU A 244 31.60 4.52 -1.86
C LEU A 244 32.36 4.37 -3.16
N HIS A 245 33.21 3.34 -3.30
CA HIS A 245 33.95 3.14 -4.54
C HIS A 245 33.22 2.25 -5.54
N GLY A 246 31.90 2.14 -5.41
CA GLY A 246 31.09 1.36 -6.33
C GLY A 246 31.07 -0.14 -6.10
N HIS A 247 31.74 -0.65 -5.06
CA HIS A 247 31.73 -2.08 -4.83
C HIS A 247 30.47 -2.51 -4.09
N ARG A 248 29.94 -3.68 -4.47
CA ARG A 248 28.75 -4.23 -3.87
C ARG A 248 28.96 -5.69 -3.56
N LEU A 249 28.02 -6.27 -2.83
CA LEU A 249 28.07 -7.70 -2.51
C LEU A 249 28.27 -8.50 -3.79
N LYS A 250 29.01 -9.59 -3.69
CA LYS A 250 29.30 -10.41 -4.85
C LYS A 250 28.21 -11.46 -5.06
N GLN A 251 27.99 -11.80 -6.32
CA GLN A 251 26.98 -12.77 -6.68
C GLN A 251 27.34 -14.14 -6.13
N PRO A 252 26.43 -14.83 -5.43
CA PRO A 252 26.75 -16.15 -4.88
C PRO A 252 27.12 -17.13 -5.97
N GLU A 253 27.60 -18.30 -5.54
CA GLU A 253 28.06 -19.32 -6.48
C GLU A 253 26.91 -19.97 -7.24
N ASP A 254 25.80 -20.26 -6.59
CA ASP A 254 24.68 -20.91 -7.25
C ASP A 254 23.44 -20.02 -7.25
N CYS A 255 23.65 -18.73 -7.51
CA CYS A 255 22.58 -17.75 -7.55
C CYS A 255 22.22 -17.46 -9.00
N LEU A 256 20.97 -17.74 -9.37
CA LEU A 256 20.51 -17.47 -10.73
C LEU A 256 20.69 -15.99 -11.05
N ASP A 257 21.12 -15.71 -12.28
CA ASP A 257 21.36 -14.32 -12.68
C ASP A 257 20.14 -13.45 -12.40
N GLU A 258 18.95 -13.99 -12.64
CA GLU A 258 17.72 -13.23 -12.37
C GLU A 258 17.67 -12.82 -10.90
N LEU A 259 17.96 -13.75 -9.99
CA LEU A 259 17.93 -13.44 -8.56
C LEU A 259 18.96 -12.39 -8.19
N TYR A 260 20.18 -12.50 -8.73
CA TYR A 260 21.20 -11.51 -8.38
C TYR A 260 20.80 -10.12 -8.87
N GLU A 261 20.20 -10.05 -10.06
CA GLU A 261 19.71 -8.79 -10.59
C GLU A 261 18.79 -8.09 -9.60
N ILE A 262 17.83 -8.86 -9.05
CA ILE A 262 16.86 -8.30 -8.11
C ILE A 262 17.55 -7.77 -6.86
N MET A 263 18.47 -8.56 -6.28
CA MET A 263 19.13 -8.07 -5.07
C MET A 263 20.13 -6.96 -5.39
N TYR A 264 20.72 -6.97 -6.60
CA TYR A 264 21.63 -5.89 -6.95
C TYR A 264 20.88 -4.57 -7.05
N SER A 265 19.64 -4.60 -7.55
CA SER A 265 18.82 -3.41 -7.66
C SER A 265 18.54 -2.78 -6.30
N CYS A 266 18.66 -3.56 -5.23
CA CYS A 266 18.44 -3.07 -3.87
C CYS A 266 19.61 -2.25 -3.35
N TRP A 267 20.77 -2.34 -3.99
CA TRP A 267 21.97 -1.64 -3.55
C TRP A 267 22.34 -0.46 -4.43
N ARG A 268 21.46 -0.03 -5.33
CA ARG A 268 21.76 1.11 -6.18
C ARG A 268 22.18 2.30 -5.30
N THR A 269 23.14 3.07 -5.79
CA THR A 269 23.67 4.19 -5.02
C THR A 269 22.59 5.22 -4.69
N ASP A 270 21.70 5.51 -5.62
CA ASP A 270 20.64 6.47 -5.36
C ASP A 270 19.45 5.77 -4.72
N PRO A 271 19.01 6.18 -3.53
CA PRO A 271 17.84 5.51 -2.93
C PRO A 271 16.61 5.59 -3.80
N LEU A 272 16.45 6.68 -4.55
CA LEU A 272 15.30 6.83 -5.43
C LEU A 272 15.29 5.83 -6.57
N ASP A 273 16.43 5.21 -6.87
CA ASP A 273 16.49 4.23 -7.95
C ASP A 273 16.25 2.81 -7.46
N ARG A 274 16.26 2.58 -6.16
CA ARG A 274 16.00 1.25 -5.65
C ARG A 274 14.50 0.95 -5.76
N PRO A 275 14.11 -0.25 -6.17
CA PRO A 275 12.68 -0.55 -6.28
C PRO A 275 12.01 -0.61 -4.92
N THR A 276 10.69 -0.51 -4.94
CA THR A 276 9.94 -0.58 -3.70
C THR A 276 9.75 -2.05 -3.30
N PHE A 277 9.28 -2.25 -2.06
CA PHE A 277 9.05 -3.61 -1.59
C PHE A 277 7.99 -4.31 -2.42
N SER A 278 6.95 -3.58 -2.84
CA SER A 278 5.90 -4.19 -3.64
C SER A 278 6.44 -4.65 -4.99
N VAL A 279 7.29 -3.84 -5.62
CA VAL A 279 7.88 -4.25 -6.89
C VAL A 279 8.79 -5.45 -6.67
N LEU A 280 9.59 -5.40 -5.60
CA LEU A 280 10.48 -6.51 -5.27
C LEU A 280 9.71 -7.79 -5.00
N ARG A 281 8.59 -7.68 -4.28
CA ARG A 281 7.78 -8.86 -3.95
C ARG A 281 7.26 -9.53 -5.22
N LEU A 282 6.79 -8.74 -6.19
CA LEU A 282 6.29 -9.33 -7.42
C LEU A 282 7.42 -9.95 -8.23
N GLN A 283 8.59 -9.29 -8.26
CA GLN A 283 9.73 -9.84 -8.99
C GLN A 283 10.11 -11.21 -8.46
N LEU A 284 10.15 -11.36 -7.14
CA LEU A 284 10.51 -12.66 -6.56
C LEU A 284 9.40 -13.68 -6.81
N GLU A 285 8.14 -13.26 -6.68
CA GLU A 285 7.03 -14.17 -6.92
C GLU A 285 7.04 -14.68 -8.36
N LYS A 286 7.38 -13.79 -9.32
CA LYS A 286 7.43 -14.20 -10.72
C LYS A 286 8.60 -15.12 -10.97
N LEU A 287 9.75 -14.84 -10.34
CA LEU A 287 10.92 -15.69 -10.49
C LEU A 287 10.64 -17.09 -9.95
N LEU A 288 9.91 -17.16 -8.83
CA LEU A 288 9.59 -18.44 -8.22
C LEU A 288 8.64 -19.27 -9.09
N GLU A 289 7.68 -18.61 -9.74
CA GLU A 289 6.74 -19.36 -10.58
C GLU A 289 7.41 -19.88 -11.85
N SER A 290 8.41 -19.16 -12.37
CA SER A 290 9.08 -19.63 -13.58
C SER A 290 9.87 -20.91 -13.35
N LEU A 291 10.36 -21.12 -12.12
CA LEU A 291 11.14 -22.32 -11.84
C LEU A 291 10.23 -23.54 -11.61
N PRO A 292 10.66 -24.70 -12.08
CA PRO A 292 9.85 -25.91 -11.85
C PRO A 292 9.82 -26.27 -10.37
N ASP A 293 8.83 -27.08 -10.01
CA ASP A 293 8.69 -27.50 -8.62
C ASP A 293 9.60 -28.69 -8.31
N VAL B 10 2.12 6.18 -27.30
CA VAL B 10 1.60 5.90 -25.97
C VAL B 10 1.76 4.42 -25.66
N VAL B 11 2.13 3.65 -26.68
CA VAL B 11 2.30 2.21 -26.53
C VAL B 11 3.57 1.88 -25.75
N ILE B 12 3.49 0.85 -24.92
CA ILE B 12 4.61 0.37 -24.11
C ILE B 12 4.87 -1.09 -24.49
N ASP B 13 6.13 -1.45 -24.64
CA ASP B 13 6.48 -2.83 -25.00
C ASP B 13 6.01 -3.80 -23.92
N ARG B 14 5.33 -4.86 -24.35
CA ARG B 14 4.84 -5.88 -23.41
C ARG B 14 5.96 -6.50 -22.58
N ASN B 15 7.20 -6.46 -23.08
CA ASN B 15 8.33 -7.04 -22.36
C ASN B 15 8.54 -6.38 -21.00
N LEU B 16 8.47 -5.05 -20.97
CA LEU B 16 8.68 -4.27 -19.75
C LEU B 16 7.55 -4.39 -18.73
N LEU B 17 6.54 -5.22 -18.97
CA LEU B 17 5.42 -5.34 -18.04
C LEU B 17 5.35 -6.73 -17.43
N ILE B 18 5.22 -6.77 -16.10
CA ILE B 18 5.09 -7.98 -15.31
C ILE B 18 3.76 -7.88 -14.58
N LEU B 19 2.89 -8.87 -14.78
CA LEU B 19 1.56 -8.86 -14.17
C LEU B 19 1.51 -9.69 -12.89
N GLY B 20 0.76 -9.18 -11.91
CA GLY B 20 0.60 -9.85 -10.64
C GLY B 20 -0.81 -10.32 -10.36
N LYS B 21 -1.24 -10.23 -9.11
CA LYS B 21 -2.58 -10.66 -8.72
C LYS B 21 -3.65 -9.63 -9.11
N ILE B 22 -4.89 -10.12 -9.21
CA ILE B 22 -6.02 -9.27 -9.57
C ILE B 22 -6.34 -8.34 -8.40
N LEU B 23 -6.52 -7.05 -8.70
CA LEU B 23 -6.88 -6.06 -7.69
C LEU B 23 -8.37 -5.78 -7.65
N GLY B 24 -9.10 -6.16 -8.69
CA GLY B 24 -10.54 -5.93 -8.81
C GLY B 24 -10.98 -6.55 -10.12
N GLU B 25 -12.21 -7.06 -10.19
CA GLU B 25 -12.67 -7.71 -11.41
C GLU B 25 -14.15 -7.40 -11.67
N GLY B 26 -14.45 -7.06 -12.91
CA GLY B 26 -15.81 -6.78 -13.36
C GLY B 26 -16.16 -7.72 -14.48
N GLU B 27 -17.01 -7.27 -15.42
CA GLU B 27 -17.39 -8.09 -16.56
C GLU B 27 -16.82 -7.57 -17.87
N PHE B 28 -16.50 -6.28 -17.95
CA PHE B 28 -15.91 -5.68 -19.14
C PHE B 28 -14.39 -5.65 -19.08
N GLY B 29 -13.79 -6.21 -18.04
CA GLY B 29 -12.36 -6.23 -17.91
C GLY B 29 -11.94 -6.44 -16.47
N SER B 30 -10.63 -6.53 -16.28
CA SER B 30 -10.03 -6.74 -14.97
C SER B 30 -8.88 -5.77 -14.76
N VAL B 31 -8.54 -5.57 -13.48
CA VAL B 31 -7.44 -4.69 -13.08
C VAL B 31 -6.48 -5.53 -12.25
N MET B 32 -5.20 -5.52 -12.63
CA MET B 32 -4.18 -6.29 -11.93
C MET B 32 -2.98 -5.43 -11.58
N GLU B 33 -2.33 -5.78 -10.47
CA GLU B 33 -1.12 -5.10 -10.07
C GLU B 33 -0.02 -5.41 -11.07
N GLY B 34 1.06 -4.64 -11.03
CA GLY B 34 2.12 -4.95 -11.98
C GLY B 34 3.38 -4.16 -11.74
N ASN B 35 4.43 -4.60 -12.43
CA ASN B 35 5.74 -3.96 -12.40
C ASN B 35 6.01 -3.43 -13.80
N LEU B 36 6.41 -2.18 -13.90
CA LEU B 36 6.71 -1.57 -15.18
C LEU B 36 8.18 -1.14 -15.22
N LYS B 37 8.92 -1.68 -16.18
CA LYS B 37 10.31 -1.28 -16.33
C LYS B 37 10.28 0.04 -17.10
N GLN B 38 10.93 1.05 -16.56
CA GLN B 38 10.90 2.36 -17.17
C GLN B 38 12.15 2.65 -18.00
N GLU B 39 12.22 3.88 -18.50
CA GLU B 39 13.31 4.36 -19.34
C GLU B 39 14.63 4.45 -18.58
N ASP B 40 14.60 4.90 -17.32
CA ASP B 40 15.81 5.05 -16.50
C ASP B 40 16.22 3.77 -15.79
N GLY B 41 15.74 2.62 -16.24
CA GLY B 41 16.10 1.35 -15.64
C GLY B 41 15.27 0.94 -14.44
N THR B 42 14.75 1.91 -13.68
CA THR B 42 14.00 1.56 -12.49
C THR B 42 12.63 0.96 -12.84
N SER B 43 12.09 0.22 -11.88
CA SER B 43 10.79 -0.41 -11.99
C SER B 43 9.78 0.40 -11.19
N LEU B 44 8.55 0.42 -11.67
CA LEU B 44 7.49 1.19 -11.03
C LEU B 44 6.27 0.29 -10.81
N LYS B 45 5.64 0.44 -9.65
CA LYS B 45 4.47 -0.35 -9.33
C LYS B 45 3.29 0.25 -10.10
N VAL B 46 2.65 -0.57 -10.93
CA VAL B 46 1.55 -0.12 -11.75
C VAL B 46 0.32 -0.99 -11.60
N ALA B 47 -0.81 -0.44 -12.04
CA ALA B 47 -2.07 -1.14 -12.11
C ALA B 47 -2.29 -1.40 -13.60
N VAL B 48 -2.85 -2.54 -13.94
CA VAL B 48 -3.05 -2.88 -15.35
C VAL B 48 -4.51 -3.26 -15.55
N LYS B 49 -5.27 -2.36 -16.17
CA LYS B 49 -6.67 -2.62 -16.44
C LYS B 49 -6.77 -3.21 -17.84
N THR B 50 -7.10 -4.48 -17.94
CA THR B 50 -7.24 -5.16 -19.22
C THR B 50 -8.68 -5.04 -19.69
N MET B 51 -8.90 -4.34 -20.78
CA MET B 51 -10.25 -4.19 -21.32
C MET B 51 -10.49 -5.29 -22.35
N LYS B 52 -10.71 -6.49 -21.83
CA LYS B 52 -10.96 -7.66 -22.64
C LYS B 52 -12.43 -7.78 -23.00
N ILE B 61 -11.86 -0.60 -30.94
CA ILE B 61 -10.48 -0.26 -30.59
C ILE B 61 -10.14 1.14 -31.07
N GLU B 62 -10.71 1.51 -32.21
CA GLU B 62 -10.46 2.84 -32.79
C GLU B 62 -10.74 3.95 -31.77
N GLU B 63 -11.95 3.97 -31.19
CA GLU B 63 -12.28 4.98 -30.22
C GLU B 63 -11.38 4.92 -29.00
N PHE B 64 -10.69 3.78 -28.79
CA PHE B 64 -9.77 3.63 -27.67
C PHE B 64 -8.42 4.23 -28.00
N LEU B 65 -7.88 3.88 -29.17
CA LEU B 65 -6.58 4.39 -29.58
C LEU B 65 -6.58 5.91 -29.61
N SER B 66 -7.65 6.51 -30.13
CA SER B 66 -7.76 7.95 -30.18
C SER B 66 -8.04 8.55 -28.81
N GLU B 67 -8.37 7.71 -27.82
CA GLU B 67 -8.66 8.15 -26.47
C GLU B 67 -7.43 8.06 -25.58
N ALA B 68 -6.78 6.89 -25.54
CA ALA B 68 -5.58 6.77 -24.71
C ALA B 68 -4.53 7.78 -25.16
N ALA B 69 -4.55 8.15 -26.44
CA ALA B 69 -3.63 9.16 -26.93
C ALA B 69 -4.01 10.52 -26.35
N CYS B 70 -5.32 10.81 -26.33
CA CYS B 70 -5.82 12.07 -25.80
C CYS B 70 -5.60 12.18 -24.30
N MET B 71 -5.64 11.06 -23.58
CA MET B 71 -5.47 11.05 -22.14
C MET B 71 -3.99 10.97 -21.75
N LYS B 72 -3.15 10.38 -22.59
CA LYS B 72 -1.72 10.33 -22.27
C LYS B 72 -1.05 11.69 -22.44
N ASP B 73 -1.80 12.67 -22.95
CA ASP B 73 -1.30 14.02 -23.13
C ASP B 73 -1.78 14.94 -22.03
N PHE B 74 -2.78 14.50 -21.25
CA PHE B 74 -3.27 15.28 -20.13
C PHE B 74 -2.21 15.31 -19.04
N SER B 75 -2.17 16.40 -18.28
CA SER B 75 -1.21 16.50 -17.19
C SER B 75 -1.79 17.40 -16.11
N HIS B 76 -2.30 16.77 -15.04
CA HIS B 76 -2.87 17.48 -13.92
C HIS B 76 -2.68 16.61 -12.69
N PRO B 77 -2.28 17.18 -11.55
CA PRO B 77 -2.10 16.36 -10.35
C PRO B 77 -3.40 15.75 -9.82
N ASN B 78 -4.55 16.30 -10.19
CA ASN B 78 -5.83 15.77 -9.72
C ASN B 78 -6.53 14.91 -10.76
N VAL B 79 -5.83 14.57 -11.84
CA VAL B 79 -6.33 13.67 -12.88
C VAL B 79 -5.38 12.48 -12.87
N ILE B 80 -5.93 11.26 -12.88
CA ILE B 80 -5.05 10.11 -12.85
C ILE B 80 -4.14 10.15 -14.07
N ARG B 81 -2.88 9.74 -13.87
CA ARG B 81 -1.92 9.75 -14.96
C ARG B 81 -1.90 8.41 -15.65
N LEU B 82 -1.99 8.42 -16.96
CA LEU B 82 -1.94 7.21 -17.76
C LEU B 82 -0.50 7.02 -18.21
N LEU B 83 0.10 5.88 -17.85
CA LEU B 83 1.49 5.64 -18.21
C LEU B 83 1.66 5.12 -19.63
N GLY B 84 0.64 4.52 -20.20
CA GLY B 84 0.69 4.05 -21.56
C GLY B 84 -0.21 2.84 -21.76
N VAL B 85 -0.10 2.27 -22.95
CA VAL B 85 -0.89 1.10 -23.32
C VAL B 85 0.03 0.01 -23.85
N CYS B 86 -0.28 -1.23 -23.49
CA CYS B 86 0.44 -2.41 -23.95
C CYS B 86 -0.43 -3.13 -24.98
N ILE B 87 0.21 -3.82 -25.90
CA ILE B 87 -0.49 -4.55 -26.97
C ILE B 87 -0.13 -6.02 -26.85
N GLU B 88 -1.13 -6.86 -26.57
CA GLU B 88 -0.97 -8.29 -26.42
C GLU B 88 -1.86 -9.02 -27.39
N MET B 89 -1.37 -10.16 -27.88
CA MET B 89 -2.12 -10.97 -28.83
C MET B 89 -2.00 -12.44 -28.49
N LYS B 96 -5.54 -7.91 -27.55
CA LYS B 96 -6.05 -7.50 -26.25
C LYS B 96 -5.23 -6.35 -25.68
N PRO B 97 -5.87 -5.21 -25.49
CA PRO B 97 -5.18 -4.04 -24.94
C PRO B 97 -5.26 -3.98 -23.43
N MET B 98 -4.30 -3.27 -22.84
CA MET B 98 -4.20 -3.10 -21.40
C MET B 98 -3.73 -1.68 -21.08
N VAL B 99 -4.41 -1.04 -20.14
CA VAL B 99 -4.07 0.32 -19.72
C VAL B 99 -3.16 0.22 -18.50
N ILE B 100 -2.09 1.01 -18.49
CA ILE B 100 -1.12 1.01 -17.40
C ILE B 100 -1.25 2.31 -16.62
N LEU B 101 -1.50 2.20 -15.31
CA LEU B 101 -1.63 3.34 -14.43
C LEU B 101 -0.77 3.13 -13.19
N PRO B 102 -0.31 4.22 -12.56
CA PRO B 102 0.50 4.06 -11.35
C PRO B 102 -0.33 3.44 -10.23
N PHE B 103 0.29 2.52 -9.50
CA PHE B 103 -0.40 1.86 -8.40
C PHE B 103 -0.51 2.82 -7.21
N MET B 104 -1.72 2.90 -6.64
CA MET B 104 -1.99 3.74 -5.49
C MET B 104 -2.39 2.84 -4.33
N LYS B 105 -1.46 2.65 -3.38
CA LYS B 105 -1.70 1.80 -2.22
C LYS B 105 -2.95 2.19 -1.45
N TYR B 106 -3.27 3.48 -1.39
CA TYR B 106 -4.43 3.93 -0.63
C TYR B 106 -5.76 3.57 -1.29
N GLY B 107 -5.77 3.08 -2.52
CA GLY B 107 -7.02 2.69 -3.12
C GLY B 107 -7.93 3.82 -3.58
N ASP B 108 -9.21 3.49 -3.66
CA ASP B 108 -10.26 4.40 -4.09
C ASP B 108 -10.86 5.15 -2.92
N LEU B 109 -11.31 6.38 -3.19
CA LEU B 109 -11.86 7.24 -2.15
C LEU B 109 -13.09 6.65 -1.49
N HIS B 110 -13.95 5.97 -2.24
CA HIS B 110 -15.16 5.39 -1.64
C HIS B 110 -14.79 4.38 -0.55
N THR B 111 -14.04 3.35 -0.91
CA THR B 111 -13.64 2.35 0.07
C THR B 111 -12.88 3.01 1.22
N TYR B 112 -12.05 4.00 0.90
CA TYR B 112 -11.29 4.70 1.93
C TYR B 112 -12.21 5.38 2.93
N LEU B 113 -13.30 6.00 2.45
CA LEU B 113 -14.22 6.67 3.35
C LEU B 113 -14.82 5.71 4.36
N LEU B 114 -15.22 4.52 3.91
CA LEU B 114 -15.79 3.53 4.83
C LEU B 114 -14.75 3.12 5.88
N TYR B 115 -13.51 2.89 5.44
CA TYR B 115 -12.44 2.49 6.35
C TYR B 115 -12.25 3.51 7.48
N SER B 116 -12.44 4.80 7.17
CA SER B 116 -12.24 5.84 8.18
C SER B 116 -13.26 5.79 9.30
N ARG B 117 -14.39 5.12 9.09
CA ARG B 117 -15.41 4.98 10.12
C ARG B 117 -15.15 3.76 11.01
N LEU B 118 -13.97 3.17 10.88
CA LEU B 118 -13.54 2.00 11.61
C LEU B 118 -12.25 2.33 12.38
N GLU B 119 -12.11 1.69 13.54
CA GLU B 119 -11.00 1.98 14.45
C GLU B 119 -9.62 1.56 13.95
N THR B 120 -9.49 0.57 13.08
CA THR B 120 -8.15 0.18 12.66
C THR B 120 -7.79 0.68 11.26
N GLY B 121 -8.63 1.50 10.64
CA GLY B 121 -8.29 2.04 9.34
C GLY B 121 -7.82 3.46 9.48
N PRO B 122 -7.88 4.21 8.37
CA PRO B 122 -7.51 5.63 8.39
C PRO B 122 -8.16 6.36 9.56
N LYS B 123 -7.44 7.33 10.13
CA LYS B 123 -7.96 8.09 11.24
C LYS B 123 -9.25 8.79 10.82
N HIS B 124 -10.06 9.17 11.82
CA HIS B 124 -11.32 9.83 11.55
C HIS B 124 -11.06 11.10 10.76
N ILE B 125 -11.56 11.12 9.52
CA ILE B 125 -11.33 12.25 8.62
C ILE B 125 -12.11 13.47 9.07
N PRO B 126 -11.44 14.56 9.40
CA PRO B 126 -12.15 15.78 9.82
C PRO B 126 -12.83 16.47 8.64
N LEU B 127 -13.64 17.46 8.99
CA LEU B 127 -14.36 18.24 7.99
C LEU B 127 -13.42 18.85 6.96
N GLN B 128 -12.33 19.49 7.42
CA GLN B 128 -11.40 20.15 6.51
C GLN B 128 -10.76 19.17 5.53
N THR B 129 -10.43 17.96 5.99
CA THR B 129 -9.85 16.98 5.07
C THR B 129 -10.88 16.55 4.04
N LEU B 130 -12.14 16.39 4.48
CA LEU B 130 -13.21 16.02 3.55
C LEU B 130 -13.41 17.09 2.50
N LEU B 131 -13.37 18.36 2.91
CA LEU B 131 -13.53 19.45 1.95
C LEU B 131 -12.37 19.46 0.97
N LYS B 132 -11.14 19.23 1.45
CA LYS B 132 -10.00 19.18 0.56
C LYS B 132 -10.19 18.09 -0.48
N PHE B 133 -10.74 16.94 -0.06
CA PHE B 133 -11.05 15.86 -0.99
C PHE B 133 -11.91 16.38 -2.13
N MET B 134 -12.91 17.21 -1.79
CA MET B 134 -13.79 17.78 -2.80
C MET B 134 -13.06 18.79 -3.67
N VAL B 135 -12.18 19.59 -3.07
CA VAL B 135 -11.41 20.57 -3.84
C VAL B 135 -10.57 19.84 -4.89
N ASP B 136 -9.86 18.80 -4.46
CA ASP B 136 -9.04 18.00 -5.38
C ASP B 136 -9.85 17.55 -6.59
N ILE B 137 -11.04 16.99 -6.35
CA ILE B 137 -11.88 16.52 -7.43
C ILE B 137 -12.34 17.66 -8.31
N ALA B 138 -12.74 18.78 -7.70
CA ALA B 138 -13.18 19.92 -8.51
C ALA B 138 -12.06 20.43 -9.39
N LEU B 139 -10.83 20.44 -8.88
CA LEU B 139 -9.68 20.86 -9.69
C LEU B 139 -9.53 19.93 -10.88
N GLY B 140 -9.51 18.62 -10.62
CA GLY B 140 -9.40 17.64 -11.68
C GLY B 140 -10.50 17.77 -12.72
N MET B 141 -11.73 18.02 -12.27
CA MET B 141 -12.83 18.15 -13.21
C MET B 141 -12.76 19.47 -13.96
N GLU B 142 -12.34 20.54 -13.28
CA GLU B 142 -12.18 21.82 -13.96
C GLU B 142 -11.21 21.67 -15.12
N TYR B 143 -10.06 21.06 -14.85
CA TYR B 143 -9.06 20.77 -15.88
C TYR B 143 -9.66 20.01 -17.05
N LEU B 144 -10.40 18.94 -16.76
CA LEU B 144 -10.99 18.12 -17.81
C LEU B 144 -12.11 18.86 -18.54
N SER B 145 -12.90 19.66 -17.84
CA SER B 145 -13.97 20.36 -18.53
C SER B 145 -13.40 21.51 -19.36
N ASN B 146 -12.23 22.04 -18.96
CA ASN B 146 -11.61 23.10 -19.74
C ASN B 146 -11.21 22.60 -21.12
N ARG B 147 -10.82 21.32 -21.21
CA ARG B 147 -10.48 20.71 -22.48
C ARG B 147 -11.70 20.05 -23.10
N ASN B 148 -12.88 20.39 -22.60
CA ASN B 148 -14.18 19.89 -23.06
C ASN B 148 -14.27 18.36 -23.00
N PHE B 149 -13.75 17.79 -21.92
CA PHE B 149 -13.80 16.35 -21.71
C PHE B 149 -14.98 16.02 -20.81
N LEU B 150 -15.71 14.97 -21.15
CA LEU B 150 -16.86 14.51 -20.38
C LEU B 150 -16.49 13.22 -19.67
N HIS B 151 -16.52 13.23 -18.34
CA HIS B 151 -16.18 12.03 -17.58
C HIS B 151 -17.29 11.00 -17.68
N ARG B 152 -18.53 11.42 -17.35
CA ARG B 152 -19.80 10.69 -17.38
C ARG B 152 -19.91 9.59 -16.33
N ASP B 153 -18.88 9.34 -15.52
CA ASP B 153 -18.95 8.32 -14.47
C ASP B 153 -18.34 8.84 -13.18
N LEU B 154 -18.57 10.12 -12.86
CA LEU B 154 -17.98 10.66 -11.64
C LEU B 154 -18.68 10.11 -10.40
N ALA B 155 -17.88 9.59 -9.47
CA ALA B 155 -18.35 9.03 -8.22
C ALA B 155 -17.14 8.80 -7.33
N ALA B 156 -17.39 8.60 -6.04
CA ALA B 156 -16.27 8.37 -5.12
C ALA B 156 -15.52 7.08 -5.47
N ARG B 157 -16.24 6.07 -5.98
CA ARG B 157 -15.60 4.81 -6.37
C ARG B 157 -14.62 5.01 -7.51
N ASN B 158 -14.78 6.07 -8.30
CA ASN B 158 -13.91 6.34 -9.45
C ASN B 158 -12.82 7.35 -9.13
N CYS B 159 -12.71 7.78 -7.87
CA CYS B 159 -11.69 8.74 -7.46
C CYS B 159 -10.61 7.96 -6.73
N MET B 160 -9.35 8.22 -7.09
CA MET B 160 -8.22 7.52 -6.50
C MET B 160 -7.42 8.45 -5.58
N LEU B 161 -6.90 7.87 -4.50
CA LEU B 161 -6.09 8.60 -3.53
C LEU B 161 -4.62 8.41 -3.87
N ARG B 162 -3.93 9.52 -4.16
CA ARG B 162 -2.51 9.42 -4.47
C ARG B 162 -1.71 9.17 -3.19
N ASP B 163 -0.42 8.86 -3.37
CA ASP B 163 0.44 8.57 -2.22
C ASP B 163 0.51 9.73 -1.24
N ASP B 164 0.27 10.96 -1.69
CA ASP B 164 0.32 12.14 -0.83
C ASP B 164 -1.07 12.52 -0.30
N MET B 165 -2.01 11.58 -0.34
CA MET B 165 -3.40 11.72 0.09
C MET B 165 -4.21 12.66 -0.79
N THR B 166 -3.65 13.15 -1.89
CA THR B 166 -4.40 14.01 -2.79
C THR B 166 -5.28 13.10 -3.65
N VAL B 167 -6.48 13.55 -3.96
CA VAL B 167 -7.39 12.74 -4.76
C VAL B 167 -7.24 13.12 -6.23
N CYS B 168 -7.28 12.11 -7.10
CA CYS B 168 -7.18 12.32 -8.54
C CYS B 168 -8.39 11.67 -9.20
N VAL B 169 -8.91 12.32 -10.23
CA VAL B 169 -10.07 11.81 -10.96
C VAL B 169 -9.66 10.68 -11.89
N ALA B 170 -10.46 9.63 -11.91
CA ALA B 170 -10.19 8.48 -12.78
C ALA B 170 -11.53 7.88 -13.22
N ASP B 171 -11.46 6.74 -13.91
CA ASP B 171 -12.65 6.04 -14.38
C ASP B 171 -12.27 4.57 -14.54
N PHE B 172 -12.78 3.71 -13.67
CA PHE B 172 -12.47 2.29 -13.77
C PHE B 172 -12.95 1.71 -15.10
N GLY B 173 -14.26 1.77 -15.33
CA GLY B 173 -14.84 1.27 -16.57
C GLY B 173 -14.81 -0.23 -16.73
N LEU B 174 -14.80 -0.98 -15.62
CA LEU B 174 -14.78 -2.44 -15.65
C LEU B 174 -14.78 -2.98 -14.23
N PRO B 193 -25.16 3.07 -12.40
CA PRO B 193 -24.99 4.27 -11.58
C PRO B 193 -26.14 5.26 -11.78
N VAL B 194 -27.36 4.72 -11.80
CA VAL B 194 -28.56 5.52 -11.99
C VAL B 194 -28.66 6.68 -10.99
N LYS B 195 -28.18 6.48 -9.76
CA LYS B 195 -28.27 7.52 -8.75
C LYS B 195 -27.27 8.65 -8.93
N TRP B 196 -26.30 8.50 -9.84
CA TRP B 196 -25.31 9.54 -10.12
C TRP B 196 -25.58 10.25 -11.44
N ILE B 197 -26.64 9.87 -12.15
CA ILE B 197 -26.95 10.43 -13.46
C ILE B 197 -27.93 11.59 -13.34
N ALA B 198 -27.63 12.68 -14.04
CA ALA B 198 -28.46 13.88 -14.06
C ALA B 198 -29.87 13.58 -14.56
N ILE B 199 -30.82 14.40 -14.12
CA ILE B 199 -32.22 14.20 -14.49
C ILE B 199 -32.42 14.32 -16.00
N GLU B 200 -31.77 15.30 -16.64
CA GLU B 200 -31.93 15.44 -18.09
C GLU B 200 -31.28 14.27 -18.82
N SER B 201 -30.24 13.68 -18.23
CA SER B 201 -29.58 12.53 -18.84
C SER B 201 -30.36 11.25 -18.60
N LEU B 202 -31.25 11.23 -17.59
CA LEU B 202 -32.07 10.05 -17.33
C LEU B 202 -33.14 9.87 -18.41
N ALA B 203 -33.91 10.92 -18.69
CA ALA B 203 -34.96 10.81 -19.70
C ALA B 203 -34.36 10.81 -21.10
N ASP B 204 -33.64 11.87 -21.44
CA ASP B 204 -32.95 11.94 -22.72
C ASP B 204 -31.64 11.19 -22.51
N ARG B 205 -30.74 11.21 -23.48
CA ARG B 205 -29.46 10.54 -23.31
C ARG B 205 -28.30 11.50 -23.53
N VAL B 206 -28.60 12.81 -23.53
CA VAL B 206 -27.57 13.82 -23.72
C VAL B 206 -26.73 13.95 -22.46
N TYR B 207 -25.41 13.96 -22.64
CA TYR B 207 -24.48 14.15 -21.54
C TYR B 207 -23.69 15.42 -21.83
N THR B 208 -23.50 16.25 -20.81
CA THR B 208 -22.78 17.50 -20.97
C THR B 208 -21.93 17.75 -19.73
N SER B 209 -21.19 18.86 -19.75
CA SER B 209 -20.38 19.25 -18.60
C SER B 209 -21.25 19.39 -17.35
N LYS B 210 -22.54 19.70 -17.54
CA LYS B 210 -23.44 19.85 -16.41
C LYS B 210 -23.88 18.49 -15.88
N SER B 211 -23.90 17.47 -16.74
CA SER B 211 -24.22 16.13 -16.26
C SER B 211 -23.13 15.70 -15.29
N ASP B 212 -21.87 16.00 -15.65
CA ASP B 212 -20.73 15.71 -14.79
C ASP B 212 -20.84 16.50 -13.49
N VAL B 213 -21.30 17.76 -13.59
CA VAL B 213 -21.45 18.60 -12.41
C VAL B 213 -22.50 17.99 -11.48
N TRP B 214 -23.59 17.47 -12.05
CA TRP B 214 -24.60 16.82 -11.22
C TRP B 214 -23.97 15.65 -10.48
N ALA B 215 -23.26 14.78 -11.21
CA ALA B 215 -22.59 13.66 -10.58
C ALA B 215 -21.58 14.14 -9.54
N PHE B 216 -21.04 15.35 -9.73
CA PHE B 216 -20.10 15.89 -8.76
C PHE B 216 -20.81 16.19 -7.45
N GLY B 217 -22.02 16.77 -7.52
CA GLY B 217 -22.78 17.04 -6.32
C GLY B 217 -23.03 15.76 -5.53
N VAL B 218 -23.37 14.69 -6.24
CA VAL B 218 -23.60 13.40 -5.58
C VAL B 218 -22.31 12.90 -4.96
N THR B 219 -21.18 13.07 -5.68
CA THR B 219 -19.90 12.65 -5.13
C THR B 219 -19.59 13.44 -3.87
N MET B 220 -19.84 14.76 -3.91
CA MET B 220 -19.66 15.61 -2.73
C MET B 220 -20.48 15.06 -1.56
N TRP B 221 -21.67 14.53 -1.87
CA TRP B 221 -22.54 13.99 -0.84
C TRP B 221 -22.00 12.69 -0.29
N GLU B 222 -21.39 11.87 -1.16
CA GLU B 222 -20.80 10.62 -0.69
C GLU B 222 -19.69 10.90 0.31
N ILE B 223 -18.84 11.88 0.00
CA ILE B 223 -17.74 12.25 0.88
C ILE B 223 -18.25 12.79 2.19
N ALA B 224 -19.21 13.72 2.15
CA ALA B 224 -19.76 14.29 3.38
C ALA B 224 -20.42 13.23 4.26
N THR B 225 -21.03 12.22 3.64
CA THR B 225 -21.68 11.14 4.37
C THR B 225 -20.70 10.03 4.77
N ARG B 226 -19.45 10.12 4.32
CA ARG B 226 -18.40 9.15 4.60
C ARG B 226 -18.69 7.79 3.97
N GLY B 227 -19.28 7.78 2.78
CA GLY B 227 -19.54 6.56 2.03
C GLY B 227 -20.97 6.09 1.92
N MET B 228 -21.95 6.85 2.40
CA MET B 228 -23.34 6.42 2.30
C MET B 228 -23.80 6.32 0.84
N THR B 229 -24.65 5.33 0.58
CA THR B 229 -25.21 5.19 -0.76
C THR B 229 -26.21 6.34 -0.98
N PRO B 230 -26.26 6.92 -2.17
CA PRO B 230 -27.20 8.02 -2.39
C PRO B 230 -28.66 7.60 -2.29
N TYR B 231 -29.49 8.55 -1.83
CA TYR B 231 -30.92 8.37 -1.71
C TYR B 231 -31.36 7.12 -0.92
N PRO B 232 -31.01 7.03 0.37
CA PRO B 232 -31.45 5.86 1.14
C PRO B 232 -32.97 5.78 1.14
N GLY B 233 -33.48 4.55 1.04
CA GLY B 233 -34.92 4.33 1.01
C GLY B 233 -35.57 4.53 -0.32
N VAL B 234 -34.79 4.79 -1.38
CA VAL B 234 -35.31 4.99 -2.73
C VAL B 234 -34.67 3.96 -3.64
N GLN B 235 -35.51 3.28 -4.43
CA GLN B 235 -35.02 2.26 -5.35
C GLN B 235 -34.54 2.91 -6.64
N ASN B 236 -33.70 2.16 -7.37
CA ASN B 236 -33.13 2.64 -8.62
C ASN B 236 -34.21 2.95 -9.66
N HIS B 237 -35.30 2.17 -9.69
CA HIS B 237 -36.34 2.42 -10.68
C HIS B 237 -37.17 3.65 -10.33
N GLU B 238 -37.23 4.02 -9.06
CA GLU B 238 -37.96 5.19 -8.60
C GLU B 238 -37.14 6.47 -8.74
N MET B 239 -35.88 6.38 -9.15
CA MET B 239 -35.00 7.55 -9.21
C MET B 239 -35.52 8.64 -10.14
N TYR B 240 -35.98 8.29 -11.34
CA TYR B 240 -36.45 9.35 -12.22
C TYR B 240 -37.71 10.02 -11.68
N ASP B 241 -38.66 9.22 -11.19
CA ASP B 241 -39.87 9.81 -10.63
C ASP B 241 -39.54 10.67 -9.42
N TYR B 242 -38.65 10.17 -8.56
CA TYR B 242 -38.22 10.90 -7.37
C TYR B 242 -37.64 12.25 -7.73
N LEU B 243 -36.78 12.29 -8.76
CA LEU B 243 -36.14 13.54 -9.18
C LEU B 243 -37.12 14.46 -9.90
N LEU B 244 -37.98 13.91 -10.76
CA LEU B 244 -38.92 14.74 -11.50
C LEU B 244 -39.89 15.48 -10.57
N HIS B 245 -40.23 14.88 -9.43
CA HIS B 245 -41.14 15.53 -8.51
C HIS B 245 -40.47 16.62 -7.69
N GLY B 246 -39.18 16.87 -7.92
CA GLY B 246 -38.44 17.90 -7.22
C GLY B 246 -37.65 17.46 -6.02
N HIS B 247 -37.51 16.16 -5.77
CA HIS B 247 -36.74 15.68 -4.62
C HIS B 247 -35.27 15.55 -4.98
N ARG B 248 -34.43 15.92 -4.02
CA ARG B 248 -32.97 15.88 -4.15
C ARG B 248 -32.37 15.20 -2.93
N LEU B 249 -31.06 15.02 -2.97
CA LEU B 249 -30.36 14.38 -1.86
C LEU B 249 -30.51 15.22 -0.59
N LYS B 250 -30.70 14.54 0.53
CA LYS B 250 -30.89 15.22 1.81
C LYS B 250 -29.56 15.67 2.41
N GLN B 251 -29.62 16.79 3.11
CA GLN B 251 -28.46 17.37 3.76
C GLN B 251 -27.91 16.38 4.79
N PRO B 252 -26.61 16.11 4.78
CA PRO B 252 -26.05 15.15 5.74
C PRO B 252 -26.23 15.63 7.18
N GLU B 253 -25.87 14.75 8.11
CA GLU B 253 -26.07 15.03 9.53
C GLU B 253 -25.31 16.27 10.01
N ASP B 254 -23.98 16.26 9.91
CA ASP B 254 -23.18 17.38 10.38
C ASP B 254 -22.61 18.23 9.24
N CYS B 255 -23.28 18.25 8.09
CA CYS B 255 -22.79 19.02 6.96
C CYS B 255 -23.20 20.49 7.08
N LEU B 256 -22.22 21.38 6.95
CA LEU B 256 -22.48 22.82 7.01
C LEU B 256 -23.49 23.25 5.96
N ASP B 257 -24.29 24.26 6.30
CA ASP B 257 -25.28 24.76 5.35
C ASP B 257 -24.62 25.26 4.08
N GLU B 258 -23.49 25.95 4.21
CA GLU B 258 -22.78 26.45 3.04
C GLU B 258 -22.34 25.32 2.14
N LEU B 259 -21.88 24.21 2.72
CA LEU B 259 -21.47 23.08 1.91
C LEU B 259 -22.65 22.45 1.19
N TYR B 260 -23.80 22.33 1.87
CA TYR B 260 -24.97 21.75 1.22
C TYR B 260 -25.48 22.65 0.11
N GLU B 261 -25.36 23.96 0.29
CA GLU B 261 -25.76 24.91 -0.76
C GLU B 261 -25.02 24.62 -2.05
N ILE B 262 -23.70 24.43 -1.95
CA ILE B 262 -22.86 24.17 -3.11
C ILE B 262 -23.29 22.88 -3.81
N MET B 263 -23.43 21.79 -3.06
CA MET B 263 -23.81 20.53 -3.69
C MET B 263 -25.24 20.58 -4.21
N TYR B 264 -26.14 21.27 -3.49
CA TYR B 264 -27.51 21.38 -3.99
C TYR B 264 -27.55 22.09 -5.33
N SER B 265 -26.71 23.13 -5.49
CA SER B 265 -26.65 23.86 -6.75
C SER B 265 -26.30 22.95 -7.92
N CYS B 266 -25.59 21.86 -7.65
CA CYS B 266 -25.21 20.89 -8.67
C CYS B 266 -26.39 20.07 -9.17
N TRP B 267 -27.56 20.17 -8.53
CA TRP B 267 -28.72 19.38 -8.91
C TRP B 267 -29.90 20.20 -9.42
N ARG B 268 -29.67 21.48 -9.75
CA ARG B 268 -30.74 22.30 -10.30
C ARG B 268 -31.35 21.58 -11.49
N THR B 269 -32.68 21.67 -11.62
CA THR B 269 -33.35 20.97 -12.71
C THR B 269 -32.87 21.44 -14.07
N ASP B 270 -32.57 22.73 -14.21
CA ASP B 270 -32.08 23.26 -15.48
C ASP B 270 -30.56 23.20 -15.48
N PRO B 271 -29.95 22.39 -16.35
CA PRO B 271 -28.47 22.30 -16.37
C PRO B 271 -27.78 23.64 -16.50
N LEU B 272 -28.36 24.57 -17.26
CA LEU B 272 -27.73 25.87 -17.44
C LEU B 272 -27.69 26.67 -16.13
N ASP B 273 -28.49 26.30 -15.15
CA ASP B 273 -28.46 27.00 -13.87
C ASP B 273 -27.38 26.48 -12.94
N ARG B 274 -26.86 25.29 -13.21
CA ARG B 274 -25.81 24.73 -12.37
C ARG B 274 -24.49 25.47 -12.64
N PRO B 275 -23.66 25.62 -11.61
CA PRO B 275 -22.37 26.29 -11.80
C PRO B 275 -21.37 25.39 -12.50
N THR B 276 -20.38 26.04 -13.13
CA THR B 276 -19.32 25.31 -13.79
C THR B 276 -18.36 24.75 -12.75
N PHE B 277 -17.49 23.84 -13.20
CA PHE B 277 -16.52 23.25 -12.28
C PHE B 277 -15.58 24.31 -11.72
N SER B 278 -15.17 25.28 -12.55
CA SER B 278 -14.29 26.32 -12.05
C SER B 278 -14.98 27.16 -10.99
N VAL B 279 -16.28 27.40 -11.16
CA VAL B 279 -17.03 28.13 -10.14
C VAL B 279 -17.09 27.31 -8.86
N LEU B 280 -17.39 26.01 -9.00
CA LEU B 280 -17.46 25.10 -7.87
C LEU B 280 -16.12 25.02 -7.14
N ARG B 281 -15.02 25.02 -7.90
CA ARG B 281 -13.70 24.91 -7.29
C ARG B 281 -13.40 26.09 -6.38
N LEU B 282 -13.78 27.30 -6.79
CA LEU B 282 -13.49 28.45 -5.93
C LEU B 282 -14.43 28.50 -4.74
N GLN B 283 -15.68 28.06 -4.90
CA GLN B 283 -16.60 28.04 -3.78
C GLN B 283 -16.09 27.12 -2.68
N LEU B 284 -15.69 25.90 -3.06
CA LEU B 284 -15.17 24.94 -2.09
C LEU B 284 -13.86 25.43 -1.48
N GLU B 285 -12.98 26.00 -2.30
CA GLU B 285 -11.71 26.50 -1.79
C GLU B 285 -11.92 27.62 -0.77
N LYS B 286 -12.89 28.49 -1.03
CA LYS B 286 -13.15 29.58 -0.09
C LYS B 286 -13.75 29.07 1.20
N LEU B 287 -14.66 28.09 1.11
CA LEU B 287 -15.27 27.52 2.30
C LEU B 287 -14.22 26.84 3.17
N LEU B 288 -13.37 26.04 2.54
CA LEU B 288 -12.31 25.36 3.28
C LEU B 288 -11.39 26.35 3.97
N GLU B 289 -11.08 27.48 3.31
CA GLU B 289 -10.22 28.47 3.93
C GLU B 289 -10.91 29.15 5.10
N SER B 290 -12.24 29.33 5.02
CA SER B 290 -12.97 29.94 6.12
C SER B 290 -12.99 29.07 7.37
N LEU B 291 -12.62 27.76 7.24
CA LEU B 291 -12.61 26.85 8.37
C LEU B 291 -11.25 26.87 9.08
N PRO B 292 -11.24 26.65 10.39
CA PRO B 292 -9.98 26.65 11.12
C PRO B 292 -9.11 25.45 10.75
N ASP B 293 -7.81 25.63 10.90
CA ASP B 293 -6.86 24.55 10.59
C ASP B 293 -6.87 23.50 11.70
C10 A1L6J C . 14.37 -19.86 19.77
C11 A1L6J C . 15.13 -16.65 20.06
C12 A1L6J C . 15.38 -15.81 21.14
C13 A1L6J C . 16.63 -15.23 21.31
C14 A1L6J C . 17.64 -15.50 20.41
C15 A1L6J C . 17.41 -16.34 19.34
C16 A1L6J C . 16.15 -16.90 19.16
C21 A1L6J C . 14.09 -21.16 19.33
C22 A1L6J C . 15.25 -23.33 19.24
C24 A1L6J C . 12.42 -12.91 19.70
C25 A1L6J C . 12.09 -12.53 18.41
C26 A1L6J C . 11.58 -11.26 18.17
C27 A1L6J C . 11.41 -10.37 19.21
C28 A1L6J C . 11.76 -10.74 20.51
C31 A1L6J C . 10.42 -7.98 19.75
C37 A1L6J C . 9.63 -5.43 19.40
C39 A1L6J C . 9.13 -5.22 15.82
C40 A1L6J C . 9.93 -4.31 15.15
C42 A1L6J C . 8.66 -4.63 13.15
C43 A1L6J C . 7.86 -5.56 13.81
C01 A1L6J C . 12.48 -16.56 19.72
C02 A1L6J C . 11.53 -17.55 19.53
C04 A1L6J C . 9.84 -15.95 19.40
C06 A1L6J C . 12.01 -15.22 19.74
C07 A1L6J C . 13.75 -17.28 19.85
C08 A1L6J C . 13.42 -18.64 19.71
C18 A1L6J C . 15.70 -19.94 20.27
C29 A1L6J C . 12.27 -12.01 20.75
C33 A1L6J C . 9.95 -6.74 18.98
C34 A1L6J C . 9.79 -6.74 17.59
C41 A1L6J C . 9.71 -4.01 13.82
C44 A1L6J C . 8.09 -5.85 15.15
C46 A1L6J C . 8.90 -3.36 18.29
F45 A1L6J C . 8.43 -4.34 11.83
N03 A1L6J C . 10.22 -17.22 19.37
N05 A1L6J C . 10.71 -14.96 19.59
N17 A1L6J C . 18.47 -16.62 18.38
N19 A1L6J C . 16.10 -21.18 20.12
N20 A1L6J C . 15.14 -21.91 19.55
N30 A1L6J C . 10.89 -9.06 18.86
N35 A1L6J C . 9.39 -5.55 17.23
N36 A1L6J C . 9.30 -4.75 18.30
O09 A1L6J C . 12.14 -18.75 19.53
O23 A1L6J C . 12.95 -14.19 19.94
O32 A1L6J C . 10.40 -8.06 20.93
O38 A1L6J C . 9.96 -7.66 16.88
C10 A1L6J D . -6.06 -1.03 -4.97
C11 A1L6J D . -8.04 -0.92 -7.55
C12 A1L6J D . -8.24 -1.88 -8.53
C13 A1L6J D . -9.48 -2.48 -8.66
C14 A1L6J D . -10.53 -2.12 -7.83
C15 A1L6J D . -10.33 -1.15 -6.86
C16 A1L6J D . -9.09 -0.54 -6.72
C21 A1L6J D . -5.52 -0.73 -3.69
C22 A1L6J D . -5.68 -1.67 -1.42
C24 A1L6J D . -7.67 1.48 -11.47
C25 A1L6J D . -8.06 2.80 -11.34
C26 A1L6J D . -8.29 3.56 -12.48
C27 A1L6J D . -8.13 3.00 -13.73
C28 A1L6J D . -7.75 1.68 -13.88
C31 A1L6J D . -8.28 3.57 -16.29
C37 A1L6J D . -8.57 4.95 -18.59
C39 A1L6J D . -9.81 8.14 -17.45
C40 A1L6J D . -11.14 8.42 -17.74
C42 A1L6J D . -10.83 10.68 -17.00
C43 A1L6J D . -9.51 10.40 -16.70
C01 A1L6J D . -6.00 0.61 -8.38
C02 A1L6J D . -4.82 0.99 -7.77
C04 A1L6J D . -4.22 2.21 -9.66
C06 A1L6J D . -6.25 1.09 -9.69
C07 A1L6J D . -6.68 -0.24 -7.39
C08 A1L6J D . -5.81 -0.27 -6.28
C18 A1L6J D . -6.87 -2.16 -4.75
C29 A1L6J D . -7.52 0.92 -12.73
C33 A1L6J D . -8.63 4.76 -17.19
C34 A1L6J D . -9.10 5.98 -16.67
C41 A1L6J D . -11.65 9.69 -17.52
C44 A1L6J D . -8.99 9.12 -16.92
C46 A1L6J D . -9.10 6.81 -20.13
F45 A1L6J D . -11.34 11.93 -16.79
N03 A1L6J D . -3.95 1.79 -8.43
N05 A1L6J D . -5.36 1.87 -10.29
N17 A1L6J D . -11.42 -0.75 -5.98
N19 A1L6J D . -6.79 -2.47 -3.48
N20 A1L6J D . -5.99 -1.63 -2.84
N30 A1L6J D . -8.39 3.88 -14.88
N35 A1L6J D . -9.30 6.79 -17.66
N36 A1L6J D . -9.00 6.20 -18.82
O09 A1L6J D . -4.76 0.44 -6.53
O23 A1L6J D . -7.44 0.71 -10.33
O32 A1L6J D . -7.97 2.51 -16.73
O38 A1L6J D . -9.28 6.20 -15.52
#